data_5U64
#
_entry.id   5U64
#
_cell.length_a   56.790
_cell.length_b   76.937
_cell.length_c   69.656
_cell.angle_alpha   90.00
_cell.angle_beta   90.00
_cell.angle_gamma   90.00
#
_symmetry.space_group_name_H-M   'C 2 2 21'
#
loop_
_entity.id
_entity.type
_entity.pdbx_description
1 polymer VHH-28
2 water water
#
_entity_poly.entity_id   1
_entity_poly.type   'polypeptide(L)'
_entity_poly.pdbx_seq_one_letter_code
;MADVQLQESGGGSVQAGGSLRLSCVASGVTSTRPCIGWFRQAPGKEREGVAVVNFRGDSTYITDSVKGRFTISRDEDSDT
VYLQMNSLKPEDTATYYCAADVNRGGFCYIEDWYFSYWGQGTQVTVSSAAAHHHHHH
;
_entity_poly.pdbx_strand_id   B
#
# COMPACT_ATOMS: atom_id res chain seq x y z
N ASP A 3 -0.01 20.41 1.24
CA ASP A 3 0.01 19.14 0.58
C ASP A 3 -0.38 18.18 1.63
N VAL A 4 -1.00 17.10 1.17
CA VAL A 4 -1.08 15.92 1.98
C VAL A 4 0.30 15.31 2.02
N GLN A 5 0.72 14.90 3.21
CA GLN A 5 1.98 14.20 3.40
CA GLN A 5 1.98 14.21 3.46
C GLN A 5 1.69 12.78 3.83
N LEU A 6 2.48 11.82 3.30
CA LEU A 6 2.28 10.40 3.54
C LEU A 6 3.50 9.81 4.16
N GLN A 7 3.34 9.21 5.32
CA GLN A 7 4.47 8.58 6.01
C GLN A 7 4.27 7.05 5.99
N GLU A 8 5.16 6.32 5.36
CA GLU A 8 5.11 4.87 5.24
CA GLU A 8 5.08 4.87 5.26
C GLU A 8 5.97 4.24 6.31
N SER A 9 5.56 3.05 6.75
CA SER A 9 6.39 2.23 7.64
CA SER A 9 6.39 2.24 7.62
C SER A 9 6.01 0.77 7.47
N GLY A 10 6.82 -0.09 8.09
CA GLY A 10 6.57 -1.47 8.16
C GLY A 10 7.26 -2.36 7.13
N GLY A 11 8.11 -1.77 6.28
CA GLY A 11 8.89 -2.57 5.33
C GLY A 11 9.98 -3.38 6.00
N GLY A 12 10.53 -4.30 5.24
CA GLY A 12 11.57 -5.17 5.76
C GLY A 12 11.82 -6.32 4.82
N SER A 13 12.60 -7.30 5.34
CA SER A 13 13.03 -8.46 4.59
CA SER A 13 13.06 -8.46 4.60
C SER A 13 12.52 -9.70 5.30
N VAL A 14 11.83 -10.53 4.58
CA VAL A 14 11.19 -11.73 5.11
C VAL A 14 11.42 -12.89 4.15
N GLN A 15 11.12 -14.07 4.66
CA GLN A 15 11.10 -15.28 3.87
CA GLN A 15 11.12 -15.28 3.88
C GLN A 15 9.83 -15.46 3.10
N ALA A 16 9.91 -16.14 1.96
CA ALA A 16 8.71 -16.53 1.24
C ALA A 16 7.77 -17.27 2.14
N GLY A 17 6.48 -16.98 2.02
CA GLY A 17 5.44 -17.48 2.90
C GLY A 17 5.22 -16.62 4.13
N GLY A 18 6.10 -15.67 4.36
CA GLY A 18 5.98 -14.81 5.52
C GLY A 18 4.98 -13.68 5.31
N SER A 19 4.96 -12.81 6.28
CA SER A 19 3.99 -11.72 6.35
C SER A 19 4.67 -10.43 6.73
N LEU A 20 4.06 -9.32 6.35
CA LEU A 20 4.45 -7.99 6.77
C LEU A 20 3.24 -7.10 6.81
N ARG A 21 3.23 -6.12 7.70
CA ARG A 21 2.12 -5.17 7.81
CA ARG A 21 2.12 -5.16 7.77
C ARG A 21 2.66 -3.77 7.51
N LEU A 22 2.31 -3.20 6.35
CA LEU A 22 2.74 -1.83 6.05
C LEU A 22 1.70 -0.87 6.65
N SER A 23 2.14 0.34 6.97
CA SER A 23 1.25 1.39 7.39
CA SER A 23 1.29 1.40 7.42
C SER A 23 1.54 2.65 6.63
N CYS A 24 0.51 3.46 6.49
CA CYS A 24 0.61 4.77 5.89
C CYS A 24 -0.23 5.75 6.71
N VAL A 25 0.39 6.83 7.13
CA VAL A 25 -0.27 7.86 7.89
C VAL A 25 -0.30 9.11 7.03
N ALA A 26 -1.49 9.62 6.78
CA ALA A 26 -1.68 10.85 6.00
C ALA A 26 -1.83 12.01 6.96
N SER A 27 -1.06 13.06 6.70
CA SER A 27 -1.22 14.32 7.46
C SER A 27 -1.39 15.48 6.47
N GLY A 28 -1.77 16.64 7.00
CA GLY A 28 -2.02 17.73 6.10
C GLY A 28 -3.37 17.72 5.43
N VAL A 29 -4.29 16.92 5.95
CA VAL A 29 -5.64 16.82 5.42
C VAL A 29 -6.46 17.95 5.99
N THR A 30 -6.90 18.83 5.12
CA THR A 30 -7.64 19.99 5.59
C THR A 30 -9.11 20.03 5.20
N SER A 31 -9.50 19.25 4.19
CA SER A 31 -10.88 19.19 3.77
CA SER A 31 -10.88 19.19 3.77
C SER A 31 -11.22 17.73 3.50
N THR A 32 -11.47 17.40 2.29
CA THR A 32 -11.81 16.03 1.97
C THR A 32 -10.75 15.07 2.50
N ARG A 33 -11.22 14.07 3.26
CA ARG A 33 -10.36 12.99 3.68
CA ARG A 33 -10.34 13.01 3.67
C ARG A 33 -9.98 12.18 2.44
N PRO A 34 -8.74 11.75 2.31
CA PRO A 34 -8.31 11.16 1.05
C PRO A 34 -8.69 9.69 0.92
N CYS A 35 -8.90 9.25 -0.32
CA CYS A 35 -8.67 7.84 -0.67
CA CYS A 35 -8.69 7.83 -0.53
C CYS A 35 -7.17 7.57 -0.48
N ILE A 36 -6.82 6.45 0.17
CA ILE A 36 -5.44 6.06 0.34
CA ILE A 36 -5.44 6.09 0.33
C ILE A 36 -5.22 4.78 -0.40
N GLY A 37 -4.18 4.76 -1.21
CA GLY A 37 -3.85 3.60 -2.00
C GLY A 37 -2.43 3.11 -1.75
N TRP A 38 -2.24 1.81 -1.96
CA TRP A 38 -0.93 1.22 -2.06
C TRP A 38 -0.65 0.78 -3.48
N PHE A 39 0.54 1.11 -3.93
CA PHE A 39 1.07 0.77 -5.24
C PHE A 39 2.44 0.13 -5.02
N ARG A 40 2.98 -0.51 -6.05
CA ARG A 40 4.30 -1.10 -5.93
CA ARG A 40 4.30 -1.11 -5.93
C ARG A 40 5.05 -1.02 -7.24
N GLN A 41 6.37 -1.07 -7.14
CA GLN A 41 7.21 -1.08 -8.35
C GLN A 41 8.42 -1.93 -8.09
N ALA A 42 8.53 -2.97 -8.87
CA ALA A 42 9.66 -3.86 -8.75
C ALA A 42 10.73 -3.26 -9.63
N LYS A 45 10.49 -2.59 -13.63
CA LYS A 45 9.10 -2.74 -14.06
C LYS A 45 8.29 -1.45 -13.84
N GLU A 46 7.13 -1.40 -14.47
CA GLU A 46 6.29 -0.23 -14.21
CA GLU A 46 6.22 -0.27 -14.24
C GLU A 46 5.56 -0.38 -12.88
N ARG A 47 5.21 0.78 -12.33
CA ARG A 47 4.38 0.84 -11.12
C ARG A 47 3.03 0.17 -11.38
N GLU A 48 2.54 -0.58 -10.40
CA GLU A 48 1.28 -1.27 -10.50
C GLU A 48 0.47 -1.05 -9.23
N GLY A 49 -0.87 -1.19 -9.39
CA GLY A 49 -1.74 -1.09 -8.27
C GLY A 49 -1.70 -2.32 -7.38
N VAL A 50 -2.16 -2.13 -6.14
CA VAL A 50 -2.28 -3.22 -5.15
C VAL A 50 -3.69 -3.16 -4.54
N ALA A 51 -3.97 -2.09 -3.78
CA ALA A 51 -5.24 -1.97 -3.10
C ALA A 51 -5.44 -0.52 -2.68
N VAL A 52 -6.71 -0.11 -2.60
CA VAL A 52 -7.08 1.22 -2.17
C VAL A 52 -8.23 1.13 -1.16
N VAL A 53 -8.35 2.17 -0.33
CA VAL A 53 -9.42 2.20 0.68
C VAL A 53 -9.94 3.62 0.79
N ASN A 54 -11.26 3.76 0.77
CA ASN A 54 -11.90 5.08 0.79
C ASN A 54 -12.01 5.60 2.21
N PHE A 55 -12.57 6.81 2.32
CA PHE A 55 -12.59 7.47 3.61
C PHE A 55 -13.41 6.74 4.66
N ARG A 56 -14.33 5.85 4.24
CA ARG A 56 -15.16 5.13 5.18
C ARG A 56 -14.76 3.67 5.29
N GLY A 57 -13.62 3.29 4.75
CA GLY A 57 -13.11 1.93 4.92
C GLY A 57 -13.47 0.96 3.88
N ASP A 58 -14.12 1.34 2.79
CA ASP A 58 -14.43 0.37 1.74
C ASP A 58 -13.21 0.17 0.84
N SER A 59 -12.85 -1.07 0.61
CA SER A 59 -11.63 -1.45 -0.07
CA SER A 59 -11.61 -1.48 -0.04
C SER A 59 -11.86 -1.98 -1.46
N THR A 60 -10.85 -1.80 -2.28
CA THR A 60 -10.82 -2.29 -3.65
C THR A 60 -9.41 -2.82 -3.91
N TYR A 61 -9.31 -3.99 -4.53
CA TYR A 61 -8.05 -4.69 -4.79
C TYR A 61 -7.79 -4.79 -6.28
N ILE A 62 -6.52 -4.91 -6.65
CA ILE A 62 -6.14 -4.94 -8.06
C ILE A 62 -6.60 -6.23 -8.74
N THR A 63 -6.52 -7.35 -8.06
CA THR A 63 -6.97 -8.65 -8.57
C THR A 63 -7.47 -9.49 -7.42
N ASP A 64 -8.20 -10.55 -7.73
CA ASP A 64 -8.63 -11.54 -6.74
C ASP A 64 -7.46 -12.26 -6.09
N SER A 65 -6.42 -12.55 -6.87
CA SER A 65 -5.23 -13.18 -6.32
C SER A 65 -4.61 -12.32 -5.23
N VAL A 66 -4.47 -11.02 -5.48
CA VAL A 66 -3.97 -10.12 -4.46
C VAL A 66 -4.90 -10.04 -3.22
N LYS A 67 -6.20 -9.94 -3.46
CA LYS A 67 -7.16 -9.91 -2.37
C LYS A 67 -7.12 -11.16 -1.49
N GLY A 68 -6.71 -12.30 -2.05
CA GLY A 68 -6.68 -13.52 -1.29
C GLY A 68 -5.57 -13.60 -0.27
N ARG A 69 -4.52 -12.79 -0.39
CA ARG A 69 -3.37 -12.79 0.52
CA ARG A 69 -3.35 -12.77 0.48
C ARG A 69 -3.10 -11.46 1.19
N PHE A 70 -3.55 -10.29 0.62
CA PHE A 70 -3.38 -8.91 1.07
CA PHE A 70 -3.39 -9.01 1.24
C PHE A 70 -4.70 -8.43 1.67
N THR A 71 -4.63 -7.63 2.71
CA THR A 71 -5.81 -6.97 3.24
C THR A 71 -5.50 -5.53 3.56
N ILE A 72 -6.28 -4.63 2.99
CA ILE A 72 -6.12 -3.21 3.28
C ILE A 72 -7.19 -2.84 4.30
N SER A 73 -6.86 -1.99 5.26
CA SER A 73 -7.84 -1.57 6.26
C SER A 73 -7.52 -0.13 6.65
N ARG A 74 -8.49 0.50 7.30
N ARG A 74 -8.49 0.48 7.31
CA ARG A 74 -8.35 1.90 7.70
CA ARG A 74 -8.32 1.86 7.70
C ARG A 74 -8.83 2.05 9.14
C ARG A 74 -8.83 2.08 9.09
N ASP A 75 -8.04 2.72 9.97
CA ASP A 75 -8.55 3.09 11.28
CA ASP A 75 -8.53 3.13 11.27
C ASP A 75 -9.68 4.11 11.15
N ASP A 79 -7.08 8.85 9.33
CA ASP A 79 -6.40 8.67 8.01
C ASP A 79 -5.11 7.83 8.06
N THR A 80 -5.27 6.68 8.70
CA THR A 80 -4.15 5.70 8.90
C THR A 80 -4.61 4.38 8.33
N VAL A 81 -3.80 3.89 7.42
CA VAL A 81 -4.15 2.76 6.60
C VAL A 81 -3.07 1.69 6.77
N TYR A 82 -3.50 0.46 6.79
CA TYR A 82 -2.65 -0.71 6.91
C TYR A 82 -2.78 -1.61 5.71
N LEU A 83 -1.67 -2.20 5.27
CA LEU A 83 -1.69 -3.23 4.25
C LEU A 83 -1.06 -4.46 4.86
N GLN A 84 -1.87 -5.45 5.23
CA GLN A 84 -1.43 -6.71 5.77
C GLN A 84 -1.15 -7.66 4.62
N MET A 85 0.10 -8.06 4.51
CA MET A 85 0.59 -8.91 3.41
C MET A 85 0.89 -10.27 3.96
N ASN A 86 0.21 -11.29 3.55
CA ASN A 86 0.43 -12.66 3.97
C ASN A 86 0.86 -13.56 2.83
N SER A 87 1.39 -14.73 3.18
CA SER A 87 1.73 -15.74 2.20
C SER A 87 2.61 -15.16 1.08
N LEU A 88 3.60 -14.39 1.47
CA LEU A 88 4.35 -13.58 0.51
C LEU A 88 5.10 -14.44 -0.48
N LYS A 89 5.10 -14.02 -1.73
CA LYS A 89 5.82 -14.64 -2.82
CA LYS A 89 5.82 -14.64 -2.82
C LYS A 89 7.14 -13.91 -3.02
N PRO A 90 8.20 -14.58 -3.51
CA PRO A 90 9.42 -13.82 -3.88
C PRO A 90 9.10 -12.66 -4.80
N GLU A 91 8.15 -12.90 -5.71
CA GLU A 91 7.72 -11.95 -6.71
CA GLU A 91 7.77 -11.89 -6.71
C GLU A 91 6.95 -10.77 -6.15
N ASP A 92 6.65 -10.78 -4.87
CA ASP A 92 6.09 -9.61 -4.18
C ASP A 92 7.15 -8.59 -3.73
N THR A 93 8.42 -8.94 -3.96
CA THR A 93 9.51 -8.02 -3.73
C THR A 93 9.36 -6.76 -4.57
N ALA A 94 9.40 -5.59 -3.93
CA ALA A 94 9.18 -4.33 -4.66
C ALA A 94 9.37 -3.20 -3.68
N THR A 95 9.41 -1.99 -4.20
CA THR A 95 9.16 -0.79 -3.37
C THR A 95 7.66 -0.54 -3.36
N TYR A 96 7.10 -0.43 -2.18
CA TYR A 96 5.68 -0.17 -2.00
C TYR A 96 5.48 1.30 -1.68
N TYR A 97 4.54 1.95 -2.35
CA TYR A 97 4.31 3.39 -2.18
C TYR A 97 2.86 3.58 -1.71
N CYS A 98 2.67 4.43 -0.71
CA CYS A 98 1.39 4.97 -0.30
CA CYS A 98 1.31 4.86 -0.49
C CYS A 98 1.07 6.19 -1.19
N ALA A 99 -0.20 6.39 -1.49
CA ALA A 99 -0.63 7.51 -2.31
C ALA A 99 -1.99 7.99 -1.84
N ALA A 100 -2.29 9.27 -2.11
CA ALA A 100 -3.59 9.84 -1.73
C ALA A 100 -4.23 10.57 -2.90
N ASP A 101 -5.56 10.51 -2.91
CA ASP A 101 -6.44 11.22 -3.87
C ASP A 101 -7.46 11.97 -3.02
N VAL A 102 -7.41 13.29 -3.01
CA VAL A 102 -8.40 14.13 -2.31
C VAL A 102 -9.38 14.75 -3.30
N ASN A 103 -9.32 14.41 -4.59
CA ASN A 103 -10.15 15.03 -5.62
C ASN A 103 -11.35 14.22 -6.03
N ARG A 104 -11.58 13.08 -5.40
CA ARG A 104 -12.72 12.20 -5.66
C ARG A 104 -13.63 12.09 -4.43
N GLY A 105 -13.68 13.13 -3.60
CA GLY A 105 -14.62 13.14 -2.50
C GLY A 105 -14.34 12.16 -1.40
N GLY A 106 -13.15 11.60 -1.35
CA GLY A 106 -12.83 10.55 -0.42
C GLY A 106 -13.02 9.16 -0.98
N PHE A 107 -13.59 9.05 -2.17
CA PHE A 107 -13.81 7.78 -2.82
C PHE A 107 -12.64 7.42 -3.69
N CYS A 108 -12.63 6.17 -4.14
CA CYS A 108 -11.44 5.59 -4.76
CA CYS A 108 -11.44 5.59 -4.77
C CYS A 108 -11.61 5.03 -6.16
N TYR A 109 -10.55 5.19 -6.94
CA TYR A 109 -10.23 4.41 -8.09
C TYR A 109 -8.93 3.64 -7.79
N ILE A 110 -8.70 2.53 -8.47
CA ILE A 110 -7.50 1.76 -8.25
C ILE A 110 -6.29 2.27 -9.03
N GLU A 111 -6.49 3.05 -10.09
CA GLU A 111 -5.42 3.46 -11.00
C GLU A 111 -4.63 4.65 -10.47
N ASP A 112 -3.32 4.60 -10.73
CA ASP A 112 -2.42 5.64 -10.23
C ASP A 112 -2.68 7.02 -10.80
N TRP A 113 -3.38 7.10 -11.93
CA TRP A 113 -3.55 8.41 -12.48
CA TRP A 113 -3.84 8.29 -12.64
C TRP A 113 -4.62 9.22 -11.74
N TYR A 114 -5.26 8.69 -10.72
CA TYR A 114 -6.15 9.45 -9.85
C TYR A 114 -5.45 10.00 -8.60
N PHE A 115 -4.18 9.67 -8.37
CA PHE A 115 -3.49 9.99 -7.13
C PHE A 115 -2.45 11.05 -7.36
N SER A 116 -2.48 12.10 -6.52
CA SER A 116 -1.56 13.21 -6.68
CA SER A 116 -1.56 13.22 -6.70
C SER A 116 -0.53 13.36 -5.59
N TYR A 117 -0.63 12.64 -4.51
CA TYR A 117 0.33 12.73 -3.41
C TYR A 117 0.86 11.34 -3.19
N TRP A 118 2.19 11.25 -3.07
CA TRP A 118 2.93 9.99 -3.04
C TRP A 118 3.87 9.99 -1.86
N GLY A 119 3.99 8.85 -1.19
CA GLY A 119 5.02 8.62 -0.21
C GLY A 119 6.36 8.36 -0.90
N GLN A 120 7.38 8.29 -0.07
CA GLN A 120 8.73 8.06 -0.56
C GLN A 120 9.01 6.65 -0.95
N GLY A 121 8.21 5.71 -0.49
CA GLY A 121 8.36 4.30 -0.81
C GLY A 121 9.03 3.55 0.32
N THR A 122 8.66 2.31 0.48
CA THR A 122 9.23 1.41 1.49
CA THR A 122 9.28 1.42 1.45
C THR A 122 9.58 0.07 0.84
N GLN A 123 10.78 -0.38 1.08
CA GLN A 123 11.24 -1.60 0.45
CA GLN A 123 11.25 -1.59 0.45
C GLN A 123 10.72 -2.83 1.15
N VAL A 124 10.25 -3.77 0.37
CA VAL A 124 9.84 -5.08 0.85
C VAL A 124 10.63 -6.10 0.04
N THR A 125 11.37 -6.95 0.75
CA THR A 125 12.16 -7.99 0.13
C THR A 125 11.70 -9.33 0.63
N VAL A 126 11.33 -10.21 -0.27
CA VAL A 126 10.86 -11.55 0.03
C VAL A 126 11.81 -12.53 -0.63
N SER A 127 12.52 -13.32 0.16
CA SER A 127 13.54 -14.21 -0.35
C SER A 127 13.07 -15.65 -0.35
N SER A 128 13.52 -16.41 -1.34
CA SER A 128 13.33 -17.84 -1.36
C SER A 128 14.04 -18.48 -0.18
N ALA A 129 13.66 -19.71 0.13
CA ALA A 129 14.31 -20.41 1.21
C ALA A 129 15.83 -20.54 0.95
N ALA A 130 16.23 -20.78 -0.26
CA ALA A 130 17.66 -20.94 -0.53
C ALA A 130 18.46 -19.67 -0.31
N ALA A 131 17.83 -18.48 -0.48
CA ALA A 131 18.46 -17.16 -0.48
C ALA A 131 18.29 -16.41 0.79
N HIS A 132 17.40 -16.84 1.66
CA HIS A 132 17.06 -16.05 2.81
C HIS A 132 18.07 -16.21 3.94
N HIS A 133 18.45 -15.08 4.54
CA HIS A 133 19.32 -15.04 5.70
C HIS A 133 18.80 -14.01 6.69
N HIS A 134 18.96 -14.29 7.96
CA HIS A 134 18.39 -13.28 8.87
C HIS A 134 19.27 -12.05 8.90
#